data_1OLC
#
_entry.id   1OLC
#
_cell.length_a   110.730
_cell.length_b   77.080
_cell.length_c   71.330
_cell.angle_alpha   90.00
_cell.angle_beta   90.00
_cell.angle_gamma   90.00
#
_symmetry.space_group_name_H-M   'P 21 21 21'
#
loop_
_entity.id
_entity.type
_entity.pdbx_description
1 polymer 'OLIGO-PEPTIDE BINDING PROTEIN'
2 polymer LYS-LYS-LYS-ALA
3 non-polymer 'URANYL (VI) ION'
4 water water
#
loop_
_entity_poly.entity_id
_entity_poly.type
_entity_poly.pdbx_seq_one_letter_code
_entity_poly.pdbx_strand_id
1 'polypeptide(L)'
;ADVPAGVQLADKQTLVRNNGSEVQSLDPHKIEGVPESNVSRDLFEGLLISDVEGHPSPGVAEKWENKDFKVWTFHLRENA
KWSDGTPVTAHDFVYSWQRLADPNTASPYASYLQYGHIANIDDIIAGKKPATDLGVKALDDHTFEVTLSEPVPYFYKLLV
HPSVSPVPKSAVEKFGDKWTQPANIVTNGAYKLKNWVVNERIVLERNPQYWDNAKTVINQVTYLPISSEVTDVNRYRSGE
IDMTYNNMPIELFQKLKKEIPNEVRVDPYLCTYYYEINNQKAPFNDVRVRTALKLALDRDIIVNKVKNQGDLPAYSYTPP
YTDGAKLVEPEWFKWSQQKRNEEAKKLLAEAGFTADKPLTFDLLYNTSDLHKKLAIAVASIWKKNLGVNVNLENQEWKTF
LDTRHQGTFDVARAGWCADYNEPTSFLNTMLSDSSNNTAHYKSPAFDKLIADTLKVADDTQRSELYAKAEQQLDKDSAIV
PVYYYVNARLVKPWVGGYTGKDPLDNIYVKNLYIIKH
;
A
2 'polypeptide(L)' KKKA B
#
# COMPACT_ATOMS: atom_id res chain seq x y z
N ALA A 1 1.62 -17.32 16.42
CA ALA A 1 0.15 -17.62 16.53
C ALA A 1 -0.23 -17.92 17.98
N ASP A 2 -1.43 -17.47 18.37
CA ASP A 2 -1.90 -17.82 19.74
C ASP A 2 -3.11 -18.74 19.59
N VAL A 3 -2.89 -20.07 19.58
CA VAL A 3 -3.97 -21.04 19.43
C VAL A 3 -4.83 -21.19 20.67
N PRO A 4 -6.14 -20.99 20.52
CA PRO A 4 -7.11 -21.09 21.60
C PRO A 4 -7.10 -22.50 22.17
N ALA A 5 -7.55 -22.52 23.43
CA ALA A 5 -7.56 -23.85 24.12
C ALA A 5 -8.82 -24.55 23.61
N GLY A 6 -8.57 -25.81 23.20
CA GLY A 6 -9.59 -26.66 22.65
C GLY A 6 -9.62 -26.80 21.13
N VAL A 7 -8.86 -25.97 20.43
CA VAL A 7 -8.83 -26.06 18.98
C VAL A 7 -7.92 -27.26 18.68
N GLN A 8 -8.33 -28.06 17.74
CA GLN A 8 -7.57 -29.19 17.27
C GLN A 8 -6.87 -28.73 15.96
N LEU A 9 -5.57 -28.84 15.96
CA LEU A 9 -4.75 -28.40 14.83
C LEU A 9 -4.56 -29.55 13.85
N ALA A 10 -4.62 -29.23 12.56
CA ALA A 10 -4.42 -30.20 11.51
C ALA A 10 -3.02 -30.74 11.69
N ASP A 11 -2.74 -31.89 11.11
CA ASP A 11 -1.43 -32.50 11.12
C ASP A 11 -0.49 -31.83 10.13
N LYS A 12 -1.00 -31.42 8.99
CA LYS A 12 -0.17 -30.70 8.02
C LYS A 12 -0.47 -29.21 8.15
N GLN A 13 0.51 -28.41 8.58
CA GLN A 13 0.35 -26.98 8.75
C GLN A 13 0.93 -26.25 7.56
N THR A 14 0.16 -26.22 6.46
CA THR A 14 0.69 -25.52 5.28
C THR A 14 -0.44 -24.60 4.79
N LEU A 15 -0.11 -23.54 4.08
CA LEU A 15 -1.20 -22.64 3.66
C LEU A 15 -0.94 -22.15 2.24
N VAL A 16 -2.00 -21.99 1.47
CA VAL A 16 -1.78 -21.46 0.09
C VAL A 16 -2.57 -20.16 -0.03
N ARG A 17 -1.91 -19.04 -0.34
CA ARG A 17 -2.58 -17.77 -0.47
C ARG A 17 -2.50 -17.25 -1.90
N ASN A 18 -3.53 -16.64 -2.47
CA ASN A 18 -3.34 -16.02 -3.77
C ASN A 18 -2.80 -14.58 -3.40
N ASN A 19 -1.88 -14.03 -4.17
CA ASN A 19 -1.25 -12.76 -3.95
C ASN A 19 -1.42 -11.72 -5.05
N GLY A 20 -2.34 -11.93 -5.96
CA GLY A 20 -2.72 -10.97 -6.97
C GLY A 20 -1.89 -10.85 -8.19
N SER A 21 -0.57 -10.99 -8.10
CA SER A 21 0.27 -10.85 -9.27
C SER A 21 1.70 -11.22 -8.87
N GLU A 22 2.59 -11.20 -9.84
CA GLU A 22 3.98 -11.45 -9.62
C GLU A 22 4.59 -10.19 -8.97
N VAL A 23 5.32 -10.40 -7.85
CA VAL A 23 5.87 -9.28 -7.13
C VAL A 23 6.91 -8.58 -7.95
N GLN A 24 7.04 -7.31 -7.63
CA GLN A 24 8.11 -6.57 -8.36
C GLN A 24 9.46 -7.03 -7.84
N SER A 25 9.59 -7.46 -6.56
CA SER A 25 10.92 -7.83 -6.05
C SER A 25 10.75 -8.33 -4.63
N LEU A 26 11.80 -9.00 -4.13
CA LEU A 26 11.83 -9.48 -2.76
C LEU A 26 12.75 -8.56 -1.90
N ASP A 27 13.38 -7.59 -2.54
CA ASP A 27 14.22 -6.64 -1.77
C ASP A 27 13.32 -5.58 -1.20
N PRO A 28 13.24 -5.41 0.10
CA PRO A 28 12.41 -4.43 0.77
C PRO A 28 12.63 -2.97 0.39
N HIS A 29 13.76 -2.63 -0.23
CA HIS A 29 14.07 -1.28 -0.61
C HIS A 29 13.64 -1.04 -2.07
N LYS A 30 13.13 -2.11 -2.68
CA LYS A 30 12.74 -1.94 -4.08
C LYS A 30 11.25 -2.13 -4.32
N ILE A 31 10.45 -2.31 -3.30
CA ILE A 31 9.01 -2.59 -3.45
C ILE A 31 8.11 -1.43 -3.14
N GLU A 32 6.86 -1.49 -3.69
CA GLU A 32 5.94 -0.37 -3.41
C GLU A 32 4.53 -0.91 -3.27
N GLY A 33 4.28 -2.20 -3.58
CA GLY A 33 2.88 -2.61 -3.50
C GLY A 33 2.44 -3.53 -2.42
N VAL A 34 1.13 -3.85 -2.41
CA VAL A 34 0.48 -4.78 -1.48
C VAL A 34 0.95 -6.18 -1.72
N PRO A 35 0.98 -6.74 -2.93
CA PRO A 35 1.53 -8.07 -3.20
C PRO A 35 2.95 -8.19 -2.66
N GLU A 36 3.83 -7.24 -2.95
CA GLU A 36 5.19 -7.18 -2.46
C GLU A 36 5.23 -7.16 -0.90
N SER A 37 4.39 -6.41 -0.22
CA SER A 37 4.37 -6.28 1.22
C SER A 37 3.85 -7.51 1.92
N ASN A 38 2.92 -8.23 1.29
CA ASN A 38 2.35 -9.47 1.86
C ASN A 38 3.46 -10.49 2.09
N VAL A 39 4.29 -10.68 1.05
CA VAL A 39 5.41 -11.60 1.15
C VAL A 39 6.53 -11.00 2.04
N SER A 40 6.77 -9.67 1.93
CA SER A 40 7.84 -9.08 2.76
C SER A 40 7.55 -9.27 4.24
N ARG A 41 6.33 -9.13 4.78
CA ARG A 41 6.11 -9.25 6.24
C ARG A 41 6.46 -10.56 6.86
N ASP A 42 6.41 -11.65 6.02
CA ASP A 42 6.74 -12.97 6.47
C ASP A 42 8.27 -13.19 6.39
N LEU A 43 9.02 -12.45 5.56
CA LEU A 43 10.47 -12.64 5.45
C LEU A 43 11.36 -11.72 6.26
N PHE A 44 11.00 -10.45 6.34
CA PHE A 44 11.82 -9.41 7.00
C PHE A 44 11.03 -8.69 8.05
N GLU A 45 11.66 -8.62 9.23
CA GLU A 45 11.03 -7.94 10.34
C GLU A 45 11.79 -6.69 10.80
N GLY A 46 11.10 -5.58 11.04
CA GLY A 46 11.66 -4.36 11.47
C GLY A 46 11.51 -4.10 12.97
N LEU A 47 11.62 -2.84 13.39
CA LEU A 47 11.57 -2.49 14.82
C LEU A 47 10.27 -2.85 15.46
N LEU A 48 9.13 -2.53 14.87
CA LEU A 48 7.81 -2.85 15.37
C LEU A 48 7.10 -3.69 14.28
N ILE A 49 6.08 -4.44 14.67
CA ILE A 49 5.23 -5.22 13.79
C ILE A 49 3.81 -4.87 14.26
N SER A 50 2.79 -5.31 13.58
CA SER A 50 1.41 -5.16 14.00
C SER A 50 0.96 -6.45 14.68
N ASP A 51 0.15 -6.32 15.73
CA ASP A 51 -0.47 -7.45 16.41
C ASP A 51 -1.66 -7.93 15.54
N VAL A 52 -2.47 -8.92 15.88
CA VAL A 52 -3.59 -9.40 15.04
C VAL A 52 -4.76 -8.46 14.91
N GLU A 53 -4.75 -7.35 15.66
CA GLU A 53 -5.77 -6.32 15.55
C GLU A 53 -5.22 -5.07 14.89
N GLY A 54 -3.92 -5.13 14.49
CA GLY A 54 -3.41 -3.96 13.81
C GLY A 54 -2.64 -2.96 14.61
N HIS A 55 -2.46 -3.17 15.92
CA HIS A 55 -1.73 -2.14 16.70
C HIS A 55 -0.22 -2.34 16.58
N PRO A 56 0.56 -1.29 16.49
CA PRO A 56 2.00 -1.30 16.43
C PRO A 56 2.52 -1.99 17.69
N SER A 57 3.31 -3.04 17.61
CA SER A 57 3.80 -3.80 18.72
C SER A 57 5.29 -4.09 18.52
N PRO A 58 5.91 -4.65 19.50
CA PRO A 58 7.29 -4.99 19.46
C PRO A 58 7.65 -6.00 18.38
N GLY A 59 8.67 -5.65 17.61
CA GLY A 59 9.17 -6.62 16.59
C GLY A 59 10.62 -6.88 17.11
N VAL A 60 11.61 -6.43 16.36
CA VAL A 60 13.02 -6.61 16.77
C VAL A 60 13.30 -5.77 18.02
N ALA A 61 12.67 -4.57 18.13
CA ALA A 61 12.79 -3.76 19.31
C ALA A 61 11.77 -4.20 20.36
N GLU A 62 12.21 -4.54 21.54
CA GLU A 62 11.42 -4.94 22.69
C GLU A 62 10.74 -3.71 23.31
N LYS A 63 11.50 -2.59 23.37
CA LYS A 63 10.93 -1.37 23.96
C LYS A 63 11.63 -0.17 23.37
N TRP A 64 10.95 0.96 23.47
CA TRP A 64 11.51 2.16 22.88
C TRP A 64 11.01 3.35 23.69
N GLU A 65 11.67 4.47 23.57
CA GLU A 65 11.36 5.69 24.25
C GLU A 65 11.62 6.84 23.27
N ASN A 66 11.05 7.97 23.63
CA ASN A 66 11.28 9.16 22.84
C ASN A 66 11.57 10.31 23.82
N LYS A 67 12.28 11.27 23.30
CA LYS A 67 12.57 12.51 24.03
C LYS A 67 11.98 13.62 23.15
N ASP A 68 10.87 14.21 23.59
CA ASP A 68 10.23 15.29 22.87
C ASP A 68 9.72 14.88 21.50
N PHE A 69 9.46 13.60 21.21
CA PHE A 69 9.00 13.18 19.90
C PHE A 69 10.07 13.47 18.85
N LYS A 70 11.30 13.68 19.30
CA LYS A 70 12.34 14.04 18.30
C LYS A 70 13.47 13.09 18.30
N VAL A 71 13.78 12.49 19.47
CA VAL A 71 14.87 11.52 19.57
C VAL A 71 14.23 10.24 20.06
N TRP A 72 14.26 9.21 19.21
CA TRP A 72 13.61 7.92 19.54
C TRP A 72 14.65 6.87 19.79
N THR A 73 14.63 6.12 20.89
CA THR A 73 15.60 5.10 21.19
C THR A 73 14.93 3.73 21.29
N PHE A 74 15.49 2.81 20.50
CA PHE A 74 14.93 1.46 20.40
C PHE A 74 15.90 0.48 21.02
N HIS A 75 15.40 -0.31 21.95
CA HIS A 75 16.21 -1.35 22.62
C HIS A 75 15.93 -2.67 21.94
N LEU A 76 16.81 -3.20 21.13
CA LEU A 76 16.62 -4.43 20.40
C LEU A 76 16.78 -5.68 21.24
N ARG A 77 15.91 -6.66 20.98
CA ARG A 77 15.99 -7.90 21.78
C ARG A 77 17.29 -8.62 21.46
N GLU A 78 17.89 -9.18 22.49
CA GLU A 78 19.14 -9.90 22.38
C GLU A 78 19.09 -11.18 21.59
N ASN A 79 17.95 -11.87 21.48
CA ASN A 79 17.91 -13.09 20.69
C ASN A 79 17.39 -12.91 19.28
N ALA A 80 17.31 -11.66 18.76
CA ALA A 80 16.82 -11.52 17.35
C ALA A 80 17.90 -12.03 16.41
N LYS A 81 17.62 -12.96 15.50
CA LYS A 81 18.66 -13.44 14.60
C LYS A 81 18.19 -13.54 13.12
N TRP A 82 19.19 -13.54 12.24
CA TRP A 82 19.03 -13.76 10.84
C TRP A 82 18.90 -15.29 10.66
N SER A 83 18.43 -15.69 9.45
CA SER A 83 18.23 -17.09 9.22
C SER A 83 19.54 -17.88 9.14
N ASP A 84 20.71 -17.26 9.04
CA ASP A 84 21.98 -17.97 8.99
C ASP A 84 22.58 -18.12 10.40
N GLY A 85 21.85 -17.65 11.40
CA GLY A 85 22.23 -17.70 12.77
C GLY A 85 22.91 -16.48 13.28
N THR A 86 23.24 -15.53 12.42
CA THR A 86 23.93 -14.33 12.96
C THR A 86 22.88 -13.41 13.53
N PRO A 87 23.26 -12.62 14.53
CA PRO A 87 22.41 -11.71 15.24
C PRO A 87 21.96 -10.49 14.43
N VAL A 88 20.76 -10.03 14.76
CA VAL A 88 20.25 -8.80 14.17
C VAL A 88 20.73 -7.71 15.16
N THR A 89 21.47 -6.71 14.68
CA THR A 89 21.95 -5.71 15.65
C THR A 89 21.51 -4.33 15.23
N ALA A 90 21.80 -3.32 16.05
CA ALA A 90 21.50 -1.95 15.65
C ALA A 90 22.25 -1.55 14.38
N HIS A 91 23.46 -2.08 14.14
CA HIS A 91 24.26 -1.79 12.94
C HIS A 91 23.54 -2.18 11.65
N ASP A 92 22.73 -3.24 11.63
CA ASP A 92 21.96 -3.68 10.50
C ASP A 92 20.94 -2.62 10.06
N PHE A 93 20.33 -1.98 11.07
CA PHE A 93 19.35 -0.91 10.86
C PHE A 93 20.03 0.35 10.37
N VAL A 94 21.25 0.67 10.89
CA VAL A 94 21.97 1.86 10.40
C VAL A 94 22.25 1.68 8.91
N TYR A 95 22.79 0.50 8.57
CA TYR A 95 23.14 0.18 7.18
C TYR A 95 21.90 0.20 6.32
N SER A 96 20.84 -0.52 6.78
CA SER A 96 19.62 -0.55 5.95
C SER A 96 18.98 0.77 5.71
N TRP A 97 18.74 1.61 6.72
CA TRP A 97 18.13 2.92 6.48
C TRP A 97 19.04 3.83 5.68
N GLN A 98 20.37 3.72 5.75
CA GLN A 98 21.21 4.55 4.86
C GLN A 98 21.08 4.00 3.42
N ARG A 99 20.99 2.69 3.19
CA ARG A 99 20.79 2.14 1.87
C ARG A 99 19.45 2.58 1.27
N LEU A 100 18.40 2.72 2.07
CA LEU A 100 17.08 3.15 1.58
C LEU A 100 17.13 4.59 1.13
N ALA A 101 17.86 5.44 1.90
CA ALA A 101 17.99 6.86 1.60
C ALA A 101 18.89 7.19 0.38
N ASP A 102 19.86 6.30 0.13
CA ASP A 102 20.82 6.41 -0.94
C ASP A 102 20.20 6.45 -2.34
N PRO A 103 20.43 7.54 -3.06
CA PRO A 103 19.93 7.80 -4.39
C PRO A 103 20.25 6.66 -5.33
N ASN A 104 21.39 6.02 -5.15
CA ASN A 104 21.80 4.89 -5.94
C ASN A 104 20.86 3.69 -5.80
N THR A 105 20.18 3.52 -4.67
CA THR A 105 19.26 2.39 -4.50
C THR A 105 18.02 2.65 -5.34
N ALA A 106 17.71 3.91 -5.56
CA ALA A 106 16.54 4.27 -6.36
C ALA A 106 15.30 3.63 -5.79
N SER A 107 15.13 3.69 -4.46
CA SER A 107 13.93 3.04 -3.89
C SER A 107 12.69 3.86 -4.16
N PRO A 108 11.57 3.22 -4.55
CA PRO A 108 10.29 3.89 -4.75
C PRO A 108 9.77 4.46 -3.42
N TYR A 109 10.31 3.93 -2.30
CA TYR A 109 9.98 4.41 -0.99
C TYR A 109 11.13 5.22 -0.39
N ALA A 110 12.03 5.86 -1.20
CA ALA A 110 13.09 6.70 -0.64
C ALA A 110 12.49 7.74 0.31
N SER A 111 11.38 8.36 -0.14
CA SER A 111 10.66 9.38 0.61
C SER A 111 10.08 8.92 1.91
N TYR A 112 10.00 7.61 2.23
CA TYR A 112 9.44 7.22 3.52
C TYR A 112 10.30 7.80 4.68
N LEU A 113 11.59 8.05 4.44
CA LEU A 113 12.44 8.65 5.52
C LEU A 113 12.12 10.13 5.63
N GLN A 114 11.63 10.79 4.58
CA GLN A 114 11.16 12.15 4.63
C GLN A 114 9.84 12.22 5.40
N TYR A 115 8.96 11.23 5.23
CA TYR A 115 7.66 11.22 5.93
C TYR A 115 7.85 11.23 7.45
N GLY A 116 8.88 10.53 7.93
CA GLY A 116 9.34 10.38 9.27
C GLY A 116 10.24 11.53 9.71
N HIS A 117 10.76 12.37 8.80
CA HIS A 117 11.62 13.48 9.02
C HIS A 117 12.94 13.17 9.73
N ILE A 118 13.60 12.11 9.33
CA ILE A 118 14.88 11.73 9.93
C ILE A 118 15.85 12.86 9.59
N ALA A 119 16.66 13.25 10.53
CA ALA A 119 17.61 14.33 10.27
C ALA A 119 18.43 14.06 9.01
N ASN A 120 18.62 15.10 8.16
CA ASN A 120 19.38 15.19 6.97
C ASN A 120 18.87 14.50 5.71
N ILE A 121 17.70 13.87 5.76
CA ILE A 121 17.18 13.13 4.64
C ILE A 121 17.06 13.91 3.35
N ASP A 122 16.62 15.14 3.37
CA ASP A 122 16.44 15.98 2.19
C ASP A 122 17.72 16.19 1.39
N ASP A 123 18.84 16.41 2.09
CA ASP A 123 20.13 16.62 1.46
C ASP A 123 20.66 15.31 0.93
N ILE A 124 20.35 14.22 1.64
CA ILE A 124 20.86 12.93 1.18
C ILE A 124 20.15 12.52 -0.11
N ILE A 125 18.87 12.73 -0.13
CA ILE A 125 18.05 12.42 -1.32
C ILE A 125 18.51 13.25 -2.49
N ALA A 126 18.81 14.54 -2.30
CA ALA A 126 19.24 15.43 -3.32
C ALA A 126 20.69 15.29 -3.74
N GLY A 127 21.50 14.37 -3.28
CA GLY A 127 22.87 14.20 -3.63
C GLY A 127 23.82 15.17 -2.93
N LYS A 128 23.33 16.08 -2.10
CA LYS A 128 24.14 17.04 -1.40
C LYS A 128 24.95 16.46 -0.25
N LYS A 129 24.49 15.42 0.44
CA LYS A 129 25.25 14.85 1.54
C LYS A 129 25.18 13.32 1.38
N PRO A 130 26.24 12.65 1.77
CA PRO A 130 26.30 11.21 1.74
C PRO A 130 25.27 10.61 2.74
N ALA A 131 24.75 9.43 2.43
CA ALA A 131 23.79 8.64 3.19
C ALA A 131 24.26 8.36 4.60
N THR A 132 25.58 8.28 4.84
CA THR A 132 26.27 8.12 6.08
C THR A 132 25.97 9.31 7.02
N ASP A 133 25.52 10.43 6.42
CA ASP A 133 25.08 11.53 7.22
C ASP A 133 23.65 11.34 7.80
N LEU A 134 22.93 10.30 7.48
CA LEU A 134 21.57 10.12 7.98
C LEU A 134 21.47 10.20 9.49
N GLY A 135 20.46 10.82 10.13
CA GLY A 135 20.30 10.87 11.56
C GLY A 135 19.97 9.61 12.33
N VAL A 136 20.69 8.51 12.15
CA VAL A 136 20.45 7.25 12.83
C VAL A 136 21.84 6.79 13.36
N LYS A 137 21.83 6.15 14.54
CA LYS A 137 23.15 5.69 15.07
C LYS A 137 23.00 4.48 15.92
N ALA A 138 23.98 3.59 15.91
CA ALA A 138 23.97 2.40 16.74
C ALA A 138 24.85 2.80 17.97
N LEU A 139 24.17 2.97 19.10
CA LEU A 139 24.84 3.34 20.36
C LEU A 139 25.63 2.15 20.90
N ASP A 140 25.12 0.94 20.59
CA ASP A 140 25.74 -0.33 20.86
C ASP A 140 25.08 -1.37 19.93
N ASP A 141 25.43 -2.65 20.03
CA ASP A 141 24.80 -3.67 19.17
C ASP A 141 23.31 -3.79 19.36
N HIS A 142 22.76 -3.41 20.52
CA HIS A 142 21.36 -3.54 20.81
C HIS A 142 20.59 -2.28 21.04
N THR A 143 21.06 -1.12 20.66
CA THR A 143 20.38 0.14 20.88
C THR A 143 20.54 0.98 19.62
N PHE A 144 19.41 1.26 19.01
CA PHE A 144 19.31 2.03 17.75
C PHE A 144 18.65 3.37 18.10
N GLU A 145 19.32 4.47 17.79
CA GLU A 145 18.86 5.81 18.05
C GLU A 145 18.64 6.61 16.77
N VAL A 146 17.45 7.21 16.72
CA VAL A 146 17.02 7.95 15.55
C VAL A 146 16.74 9.40 15.89
N THR A 147 17.29 10.34 15.14
CA THR A 147 17.05 11.77 15.42
C THR A 147 16.22 12.44 14.33
N LEU A 148 15.09 13.08 14.72
CA LEU A 148 14.23 13.74 13.70
C LEU A 148 14.55 15.22 13.66
N SER A 149 14.27 15.91 12.57
CA SER A 149 14.47 17.37 12.50
C SER A 149 13.32 18.16 13.13
N GLU A 150 12.23 17.51 13.51
CA GLU A 150 11.03 18.02 14.09
C GLU A 150 10.31 16.94 14.89
N PRO A 151 9.52 17.33 15.86
CA PRO A 151 8.76 16.41 16.69
C PRO A 151 7.65 15.74 15.87
N VAL A 152 7.64 14.42 15.88
CA VAL A 152 6.64 13.64 15.12
C VAL A 152 6.12 12.64 16.14
N PRO A 153 5.00 12.96 16.79
CA PRO A 153 4.34 12.15 17.77
C PRO A 153 3.88 10.76 17.29
N TYR A 154 3.50 10.60 16.01
CA TYR A 154 3.10 9.34 15.45
C TYR A 154 4.30 8.59 14.82
N PHE A 155 5.54 9.09 15.02
CA PHE A 155 6.65 8.44 14.35
C PHE A 155 6.71 6.94 14.39
N TYR A 156 6.53 6.31 15.55
CA TYR A 156 6.68 4.85 15.64
C TYR A 156 5.63 4.07 14.83
N LYS A 157 4.51 4.66 14.43
CA LYS A 157 3.45 3.99 13.67
C LYS A 157 3.95 3.66 12.28
N LEU A 158 4.94 4.43 11.77
CA LEU A 158 5.52 4.21 10.45
C LEU A 158 6.37 2.97 10.29
N LEU A 159 6.94 2.51 11.43
CA LEU A 159 7.94 1.48 11.48
C LEU A 159 7.55 0.05 11.20
N VAL A 160 6.27 -0.20 10.94
CA VAL A 160 5.74 -1.52 10.59
C VAL A 160 5.85 -1.79 9.09
N HIS A 161 6.24 -0.80 8.32
CA HIS A 161 6.33 -0.85 6.88
C HIS A 161 7.56 -1.55 6.39
N PRO A 162 7.46 -2.35 5.33
CA PRO A 162 8.55 -3.07 4.74
C PRO A 162 9.77 -2.27 4.41
N SER A 163 9.71 -1.05 3.91
CA SER A 163 10.81 -0.18 3.56
C SER A 163 11.83 0.02 4.70
N VAL A 164 11.35 0.09 5.95
CA VAL A 164 12.24 0.24 7.10
C VAL A 164 12.61 -1.06 7.78
N SER A 165 12.44 -2.23 7.12
CA SER A 165 12.93 -3.50 7.61
C SER A 165 14.44 -3.59 7.30
N PRO A 166 15.17 -4.40 8.03
CA PRO A 166 16.60 -4.59 7.83
C PRO A 166 16.93 -5.46 6.65
N VAL A 167 18.08 -5.24 5.98
CA VAL A 167 18.57 -6.07 4.87
C VAL A 167 19.98 -6.52 5.33
N PRO A 168 20.36 -7.74 4.99
CA PRO A 168 21.64 -8.34 5.40
C PRO A 168 22.76 -7.85 4.51
N LYS A 169 23.59 -6.93 5.02
CA LYS A 169 24.69 -6.32 4.27
C LYS A 169 25.62 -7.26 3.50
N SER A 170 26.06 -8.29 4.20
CA SER A 170 26.93 -9.36 3.67
C SER A 170 26.34 -10.02 2.42
N ALA A 171 25.01 -10.31 2.39
CA ALA A 171 24.44 -10.90 1.20
C ALA A 171 24.28 -9.84 0.11
N VAL A 172 23.81 -8.64 0.53
CA VAL A 172 23.62 -7.58 -0.45
C VAL A 172 24.94 -7.26 -1.12
N GLU A 173 25.99 -7.14 -0.28
CA GLU A 173 27.30 -6.80 -0.83
C GLU A 173 27.98 -7.92 -1.58
N LYS A 174 27.70 -9.20 -1.34
CA LYS A 174 28.29 -10.30 -2.06
C LYS A 174 27.53 -10.61 -3.34
N PHE A 175 26.18 -10.59 -3.34
CA PHE A 175 25.47 -10.93 -4.57
C PHE A 175 24.78 -9.84 -5.32
N GLY A 176 24.87 -8.58 -4.91
CA GLY A 176 24.13 -7.52 -5.61
C GLY A 176 22.64 -7.91 -5.70
N ASP A 177 22.08 -7.65 -6.88
CA ASP A 177 20.68 -7.93 -7.21
C ASP A 177 20.25 -9.37 -7.11
N LYS A 178 21.18 -10.34 -7.02
CA LYS A 178 20.72 -11.72 -6.89
C LYS A 178 20.83 -12.17 -5.44
N TRP A 179 20.94 -11.19 -4.51
CA TRP A 179 20.99 -11.55 -3.08
C TRP A 179 19.67 -12.16 -2.58
N THR A 180 18.56 -11.97 -3.32
CA THR A 180 17.26 -12.45 -3.02
C THR A 180 16.96 -13.83 -3.59
N GLN A 181 17.88 -14.40 -4.38
CA GLN A 181 17.64 -15.78 -4.86
C GLN A 181 17.65 -16.69 -3.68
N PRO A 182 16.89 -17.77 -3.70
CA PRO A 182 16.78 -18.74 -2.62
C PRO A 182 18.12 -19.19 -2.08
N ALA A 183 19.14 -19.35 -2.93
CA ALA A 183 20.44 -19.81 -2.43
C ALA A 183 21.22 -18.72 -1.72
N ASN A 184 20.90 -17.43 -1.97
CA ASN A 184 21.65 -16.37 -1.39
C ASN A 184 20.98 -15.60 -0.28
N ILE A 185 19.65 -15.53 -0.32
CA ILE A 185 18.93 -14.68 0.64
C ILE A 185 19.12 -15.06 2.08
N VAL A 186 19.18 -14.14 3.02
CA VAL A 186 19.26 -14.27 4.47
C VAL A 186 18.08 -13.41 4.97
N THR A 187 17.23 -13.92 5.84
CA THR A 187 16.03 -13.30 6.35
C THR A 187 15.94 -13.34 7.87
N ASN A 188 15.17 -12.38 8.45
CA ASN A 188 15.01 -12.34 9.91
C ASN A 188 13.54 -12.42 10.33
N GLY A 189 12.61 -12.73 9.41
CA GLY A 189 11.22 -12.85 9.79
C GLY A 189 10.90 -14.30 10.16
N ALA A 190 9.62 -14.66 10.29
CA ALA A 190 9.30 -16.04 10.71
C ALA A 190 9.53 -17.10 9.68
N TYR A 191 9.70 -16.69 8.39
CA TYR A 191 9.88 -17.62 7.29
C TYR A 191 11.14 -17.26 6.51
N LYS A 192 11.56 -18.21 5.69
CA LYS A 192 12.69 -17.94 4.81
C LYS A 192 12.25 -18.41 3.42
N LEU A 193 12.90 -17.88 2.38
CA LEU A 193 12.54 -18.26 1.02
C LEU A 193 13.01 -19.65 0.67
N LYS A 194 12.09 -20.52 0.26
CA LYS A 194 12.43 -21.86 -0.17
C LYS A 194 12.50 -21.94 -1.70
N ASN A 195 11.49 -21.37 -2.36
CA ASN A 195 11.43 -21.46 -3.85
C ASN A 195 10.78 -20.22 -4.43
N TRP A 196 11.25 -19.74 -5.57
CA TRP A 196 10.66 -18.58 -6.26
C TRP A 196 10.65 -18.89 -7.78
N VAL A 197 9.45 -19.19 -8.32
CA VAL A 197 9.33 -19.47 -9.75
C VAL A 197 8.46 -18.32 -10.32
N VAL A 198 9.11 -17.47 -11.08
CA VAL A 198 8.41 -16.33 -11.70
C VAL A 198 7.17 -16.72 -12.48
N ASN A 199 6.01 -16.10 -12.14
CA ASN A 199 4.73 -16.36 -12.71
C ASN A 199 4.23 -17.74 -12.35
N GLU A 200 4.75 -18.41 -11.32
CA GLU A 200 4.17 -19.68 -10.94
C GLU A 200 3.93 -19.64 -9.40
N ARG A 201 4.99 -19.52 -8.60
CA ARG A 201 4.77 -19.49 -7.15
C ARG A 201 6.04 -19.02 -6.42
N ILE A 202 5.82 -18.70 -5.17
CA ILE A 202 6.76 -18.35 -4.15
C ILE A 202 6.37 -19.26 -2.94
N VAL A 203 7.39 -20.02 -2.49
CA VAL A 203 7.19 -20.94 -1.41
C VAL A 203 8.13 -20.50 -0.28
N LEU A 204 7.58 -20.38 0.93
CA LEU A 204 8.33 -19.96 2.10
C LEU A 204 8.23 -21.09 3.12
N GLU A 205 9.29 -21.26 3.91
CA GLU A 205 9.20 -22.30 4.95
C GLU A 205 9.64 -21.63 6.24
N ARG A 206 9.29 -22.21 7.37
CA ARG A 206 9.60 -21.58 8.66
C ARG A 206 11.06 -21.36 8.88
N ASN A 207 11.43 -20.25 9.49
CA ASN A 207 12.76 -19.84 9.82
C ASN A 207 12.92 -20.08 11.34
N PRO A 208 13.64 -21.16 11.62
CA PRO A 208 13.94 -21.65 12.94
C PRO A 208 14.71 -20.71 13.85
N GLN A 209 15.48 -19.78 13.25
CA GLN A 209 16.25 -18.83 14.01
C GLN A 209 15.36 -17.65 14.45
N TYR A 210 14.13 -17.60 13.91
CA TYR A 210 13.26 -16.49 14.26
C TYR A 210 13.10 -16.42 15.78
N TRP A 211 13.25 -15.27 16.43
CA TRP A 211 13.16 -15.19 17.87
C TRP A 211 11.87 -15.71 18.45
N ASP A 212 10.77 -15.61 17.73
CA ASP A 212 9.47 -16.07 18.25
C ASP A 212 9.02 -17.36 17.58
N ASN A 213 9.98 -18.07 17.00
CA ASN A 213 9.74 -19.31 16.30
C ASN A 213 8.89 -20.28 17.09
N ALA A 214 9.02 -20.33 18.43
CA ALA A 214 8.17 -21.30 19.15
C ALA A 214 6.68 -21.03 19.03
N LYS A 215 6.22 -19.85 18.64
CA LYS A 215 4.82 -19.56 18.44
C LYS A 215 4.37 -19.68 16.98
N THR A 216 5.30 -19.93 16.04
CA THR A 216 4.91 -20.03 14.63
C THR A 216 4.22 -21.40 14.48
N VAL A 217 3.13 -21.49 13.79
CA VAL A 217 2.44 -22.82 13.62
C VAL A 217 2.59 -23.31 12.21
N ILE A 218 2.29 -22.52 11.17
CA ILE A 218 2.42 -22.92 9.78
C ILE A 218 3.84 -23.09 9.39
N ASN A 219 4.17 -24.23 8.83
CA ASN A 219 5.52 -24.58 8.42
C ASN A 219 5.84 -24.15 7.00
N GLN A 220 4.81 -24.05 6.18
CA GLN A 220 4.98 -23.69 4.79
C GLN A 220 3.78 -22.91 4.24
N VAL A 221 4.18 -21.85 3.51
CA VAL A 221 3.14 -21.01 2.92
C VAL A 221 3.55 -20.72 1.47
N THR A 222 2.57 -20.89 0.57
CA THR A 222 2.82 -20.61 -0.83
C THR A 222 2.05 -19.36 -1.25
N TYR A 223 2.71 -18.45 -1.99
CA TYR A 223 2.05 -17.26 -2.52
C TYR A 223 1.92 -17.46 -4.04
N LEU A 224 0.70 -17.35 -4.57
CA LEU A 224 0.47 -17.51 -6.02
C LEU A 224 0.30 -16.17 -6.67
N PRO A 225 0.53 -16.00 -7.95
CA PRO A 225 0.46 -14.69 -8.61
C PRO A 225 -0.70 -14.56 -9.56
N ILE A 226 -1.86 -15.04 -9.18
CA ILE A 226 -3.04 -15.03 -10.08
C ILE A 226 -3.76 -13.73 -10.04
N SER A 227 -3.76 -13.03 -11.17
CA SER A 227 -4.40 -11.71 -11.29
C SER A 227 -5.84 -11.76 -11.78
N SER A 228 -6.34 -12.94 -12.15
CA SER A 228 -7.73 -13.12 -12.53
C SER A 228 -8.53 -13.41 -11.24
N GLU A 229 -9.45 -12.56 -10.78
CA GLU A 229 -10.22 -12.83 -9.58
C GLU A 229 -11.14 -14.01 -9.68
N VAL A 230 -11.63 -14.33 -10.88
CA VAL A 230 -12.49 -15.49 -11.16
C VAL A 230 -11.71 -16.76 -11.01
N THR A 231 -10.46 -16.79 -11.48
CA THR A 231 -9.62 -17.97 -11.35
C THR A 231 -9.25 -18.18 -9.88
N ASP A 232 -9.01 -17.10 -9.16
CA ASP A 232 -8.61 -17.22 -7.74
C ASP A 232 -9.78 -17.89 -7.01
N VAL A 233 -11.03 -17.47 -7.31
CA VAL A 233 -12.22 -18.02 -6.66
C VAL A 233 -12.45 -19.49 -7.00
N ASN A 234 -12.27 -19.81 -8.30
CA ASN A 234 -12.46 -21.20 -8.76
C ASN A 234 -11.48 -22.12 -8.06
N ARG A 235 -10.21 -21.68 -8.06
CA ARG A 235 -9.19 -22.50 -7.38
C ARG A 235 -9.37 -22.49 -5.90
N TYR A 236 -9.94 -21.48 -5.27
CA TYR A 236 -10.22 -21.53 -3.85
C TYR A 236 -11.30 -22.60 -3.59
N ARG A 237 -12.42 -22.50 -4.35
CA ARG A 237 -13.54 -23.43 -4.14
C ARG A 237 -13.23 -24.83 -4.60
N SER A 238 -12.26 -25.03 -5.49
CA SER A 238 -11.95 -26.42 -5.84
C SER A 238 -11.07 -26.95 -4.71
N GLY A 239 -10.59 -26.13 -3.76
CA GLY A 239 -9.78 -26.62 -2.69
C GLY A 239 -8.30 -26.39 -2.70
N GLU A 240 -7.77 -25.71 -3.72
CA GLU A 240 -6.35 -25.46 -3.83
C GLU A 240 -5.88 -24.21 -3.09
N ILE A 241 -6.70 -23.16 -3.00
CA ILE A 241 -6.37 -21.91 -2.35
C ILE A 241 -7.17 -21.78 -1.05
N ASP A 242 -6.49 -21.51 0.07
CA ASP A 242 -7.10 -21.38 1.37
C ASP A 242 -7.54 -19.94 1.64
N MET A 243 -6.83 -19.00 1.02
CA MET A 243 -7.17 -17.58 1.21
C MET A 243 -6.99 -16.85 -0.13
N THR A 244 -8.07 -16.21 -0.64
CA THR A 244 -7.92 -15.49 -1.90
C THR A 244 -7.14 -14.17 -1.64
N TYR A 245 -6.84 -13.54 -2.77
CA TYR A 245 -6.26 -12.19 -2.80
C TYR A 245 -7.46 -11.30 -2.45
N ASN A 246 -7.30 -10.04 -2.12
CA ASN A 246 -8.51 -9.33 -1.75
C ASN A 246 -9.02 -8.50 -2.87
N ASN A 247 -9.19 -9.04 -4.07
CA ASN A 247 -9.85 -8.44 -5.21
C ASN A 247 -11.00 -9.48 -5.51
N MET A 248 -12.26 -9.16 -5.49
CA MET A 248 -13.36 -10.12 -5.75
C MET A 248 -13.99 -9.86 -7.12
N PRO A 249 -14.35 -10.91 -7.85
CA PRO A 249 -14.88 -10.78 -9.23
C PRO A 249 -16.30 -10.30 -9.24
N ILE A 250 -16.60 -9.35 -10.13
CA ILE A 250 -18.01 -8.85 -10.23
C ILE A 250 -18.91 -10.01 -10.66
N GLU A 251 -18.37 -10.92 -11.45
CA GLU A 251 -19.05 -12.08 -11.94
C GLU A 251 -19.59 -13.01 -10.91
N LEU A 252 -18.86 -13.32 -9.85
CA LEU A 252 -19.31 -14.27 -8.85
C LEU A 252 -19.70 -13.73 -7.50
N PHE A 253 -19.38 -12.49 -7.11
CA PHE A 253 -19.58 -12.04 -5.75
C PHE A 253 -20.89 -12.24 -5.09
N GLN A 254 -21.96 -11.77 -5.77
CA GLN A 254 -23.30 -11.91 -5.10
C GLN A 254 -23.68 -13.33 -4.80
N LYS A 255 -23.30 -14.24 -5.66
CA LYS A 255 -23.52 -15.67 -5.57
C LYS A 255 -22.68 -16.25 -4.47
N LEU A 256 -21.46 -15.73 -4.22
CA LEU A 256 -20.70 -16.35 -3.11
C LEU A 256 -21.29 -15.98 -1.79
N LYS A 257 -21.81 -14.76 -1.70
CA LYS A 257 -22.44 -14.27 -0.45
C LYS A 257 -23.63 -15.10 -0.04
N LYS A 258 -24.34 -15.62 -1.05
CA LYS A 258 -25.47 -16.49 -0.94
C LYS A 258 -25.05 -17.92 -0.63
N GLU A 259 -24.03 -18.41 -1.37
CA GLU A 259 -23.57 -19.79 -1.19
C GLU A 259 -22.60 -20.11 -0.09
N ILE A 260 -21.61 -19.26 0.24
CA ILE A 260 -20.64 -19.58 1.31
C ILE A 260 -20.41 -18.30 2.08
N PRO A 261 -21.48 -17.78 2.68
CA PRO A 261 -21.49 -16.53 3.40
C PRO A 261 -20.54 -16.44 4.57
N ASN A 262 -20.25 -17.52 5.25
CA ASN A 262 -19.34 -17.68 6.35
C ASN A 262 -17.86 -17.54 5.93
N GLU A 263 -17.61 -17.81 4.65
CA GLU A 263 -16.28 -17.74 4.09
C GLU A 263 -15.95 -16.39 3.50
N VAL A 264 -16.96 -15.57 3.24
CA VAL A 264 -16.80 -14.25 2.65
C VAL A 264 -16.60 -13.23 3.78
N ARG A 265 -15.37 -12.74 3.86
CA ARG A 265 -14.93 -11.80 4.88
C ARG A 265 -14.92 -10.41 4.31
N VAL A 266 -15.62 -9.47 4.95
CA VAL A 266 -15.72 -8.12 4.45
C VAL A 266 -15.51 -7.18 5.62
N ASP A 267 -14.41 -6.42 5.66
CA ASP A 267 -14.10 -5.54 6.79
C ASP A 267 -13.57 -4.21 6.27
N PRO A 268 -13.54 -3.24 7.15
CA PRO A 268 -13.06 -1.89 6.84
C PRO A 268 -11.60 -1.94 6.43
N TYR A 269 -11.32 -1.09 5.47
CA TYR A 269 -9.95 -1.04 4.87
C TYR A 269 -9.62 0.40 4.57
N LEU A 270 -8.42 0.83 4.98
CA LEU A 270 -8.03 2.25 4.69
C LEU A 270 -7.38 2.38 3.34
N CYS A 271 -8.09 2.26 2.24
CA CYS A 271 -7.57 2.35 0.90
C CYS A 271 -8.60 3.12 0.08
N THR A 272 -8.11 3.80 -0.95
CA THR A 272 -9.05 4.54 -1.82
C THR A 272 -8.75 4.12 -3.29
N TYR A 273 -9.80 3.80 -4.01
CA TYR A 273 -9.73 3.47 -5.44
C TYR A 273 -9.90 4.78 -6.21
N TYR A 274 -9.09 5.01 -7.21
CA TYR A 274 -9.24 6.28 -7.96
C TYR A 274 -8.61 6.18 -9.33
N TYR A 275 -8.89 7.19 -10.16
CA TYR A 275 -8.23 7.20 -11.48
C TYR A 275 -7.15 8.26 -11.34
N GLU A 276 -5.94 7.80 -11.56
CA GLU A 276 -4.78 8.68 -11.46
C GLU A 276 -4.59 9.43 -12.77
N ILE A 277 -4.54 10.75 -12.74
CA ILE A 277 -4.31 11.59 -13.91
C ILE A 277 -2.84 12.02 -13.95
N ASN A 278 -2.20 11.91 -15.11
CA ASN A 278 -0.79 12.37 -15.22
C ASN A 278 -0.91 13.90 -15.28
N ASN A 279 -0.68 14.60 -14.16
CA ASN A 279 -0.89 16.05 -14.12
C ASN A 279 0.02 16.86 -15.01
N GLN A 280 1.17 16.31 -15.42
CA GLN A 280 2.11 16.96 -16.27
C GLN A 280 1.91 16.73 -17.75
N LYS A 281 0.95 15.92 -18.18
CA LYS A 281 0.76 15.64 -19.60
C LYS A 281 -0.46 16.30 -20.18
N ALA A 282 -0.20 17.11 -21.22
CA ALA A 282 -1.28 17.83 -21.92
C ALA A 282 -2.19 16.83 -22.58
N PRO A 283 -3.48 17.06 -22.55
CA PRO A 283 -4.13 18.21 -21.99
C PRO A 283 -4.51 18.07 -20.53
N PHE A 284 -3.94 17.08 -19.81
CA PHE A 284 -4.28 16.87 -18.43
C PHE A 284 -3.71 17.85 -17.47
N ASN A 285 -2.85 18.72 -17.96
CA ASN A 285 -2.23 19.78 -17.19
C ASN A 285 -3.21 20.95 -17.11
N ASP A 286 -4.42 20.85 -17.63
CA ASP A 286 -5.45 21.86 -17.59
C ASP A 286 -6.48 21.40 -16.57
N VAL A 287 -6.70 22.22 -15.53
CA VAL A 287 -7.65 21.89 -14.45
C VAL A 287 -9.07 21.66 -14.90
N ARG A 288 -9.49 22.26 -16.01
CA ARG A 288 -10.88 22.09 -16.49
C ARG A 288 -11.10 20.68 -17.04
N VAL A 289 -10.02 20.23 -17.72
CA VAL A 289 -10.02 18.90 -18.26
C VAL A 289 -10.08 17.96 -17.07
N ARG A 290 -9.21 18.07 -16.04
CA ARG A 290 -9.31 17.10 -14.91
C ARG A 290 -10.62 17.16 -14.14
N THR A 291 -11.15 18.39 -13.94
CA THR A 291 -12.41 18.58 -13.20
C THR A 291 -13.57 17.96 -13.95
N ALA A 292 -13.58 18.06 -15.30
CA ALA A 292 -14.68 17.44 -16.05
C ALA A 292 -14.72 15.94 -15.86
N LEU A 293 -13.55 15.29 -15.90
CA LEU A 293 -13.48 13.82 -15.69
C LEU A 293 -13.96 13.45 -14.30
N LYS A 294 -13.47 14.24 -13.32
CA LYS A 294 -13.86 13.98 -11.94
C LYS A 294 -15.36 14.10 -11.78
N LEU A 295 -15.93 15.22 -12.28
CA LEU A 295 -17.40 15.37 -12.16
C LEU A 295 -18.29 14.45 -12.94
N ALA A 296 -17.97 14.20 -14.24
CA ALA A 296 -18.81 13.34 -15.10
C ALA A 296 -18.87 11.90 -14.72
N LEU A 297 -17.96 11.41 -13.88
CA LEU A 297 -17.94 10.04 -13.38
C LEU A 297 -19.11 9.86 -12.41
N ASP A 298 -20.00 8.90 -12.70
CA ASP A 298 -21.11 8.62 -11.86
C ASP A 298 -20.76 7.52 -10.86
N ARG A 299 -20.41 7.97 -9.63
CA ARG A 299 -20.02 7.03 -8.62
C ARG A 299 -21.11 6.11 -8.16
N ASP A 300 -22.37 6.56 -8.28
CA ASP A 300 -23.45 5.68 -7.75
C ASP A 300 -23.64 4.51 -8.65
N ILE A 301 -23.47 4.78 -9.96
CA ILE A 301 -23.65 3.62 -10.86
C ILE A 301 -22.50 2.67 -10.61
N ILE A 302 -21.25 3.18 -10.73
CA ILE A 302 -20.09 2.31 -10.53
C ILE A 302 -20.00 1.57 -9.23
N VAL A 303 -20.16 2.26 -8.09
CA VAL A 303 -20.04 1.62 -6.80
C VAL A 303 -21.21 0.75 -6.41
N ASN A 304 -22.41 1.26 -6.64
CA ASN A 304 -23.62 0.60 -6.21
C ASN A 304 -24.35 -0.21 -7.23
N LYS A 305 -24.20 0.12 -8.51
CA LYS A 305 -24.93 -0.63 -9.53
C LYS A 305 -24.03 -1.46 -10.39
N VAL A 306 -22.75 -1.42 -10.30
CA VAL A 306 -21.81 -2.16 -11.13
C VAL A 306 -20.93 -3.03 -10.22
N LYS A 307 -20.26 -2.42 -9.26
CA LYS A 307 -19.38 -3.31 -8.44
C LYS A 307 -20.26 -3.95 -7.39
N ASN A 308 -20.92 -3.07 -6.63
CA ASN A 308 -21.85 -3.52 -5.56
C ASN A 308 -21.24 -4.48 -4.56
N GLN A 309 -20.06 -4.18 -3.96
CA GLN A 309 -19.46 -5.15 -3.00
C GLN A 309 -19.34 -4.59 -1.60
N GLY A 310 -19.89 -3.40 -1.40
CA GLY A 310 -19.94 -2.72 -0.12
C GLY A 310 -19.07 -1.46 0.01
N ASP A 311 -18.42 -1.02 -1.06
CA ASP A 311 -17.55 0.14 -1.02
C ASP A 311 -18.37 1.40 -0.86
N LEU A 312 -17.69 2.48 -0.49
CA LEU A 312 -18.34 3.77 -0.31
C LEU A 312 -17.85 4.74 -1.37
N PRO A 313 -18.79 5.41 -2.04
CA PRO A 313 -18.47 6.44 -3.02
C PRO A 313 -17.51 7.46 -2.36
N ALA A 314 -16.43 7.78 -3.07
CA ALA A 314 -15.44 8.70 -2.46
C ALA A 314 -15.42 10.07 -3.06
N TYR A 315 -15.07 11.06 -2.23
CA TYR A 315 -14.98 12.44 -2.63
C TYR A 315 -13.60 12.99 -2.24
N SER A 316 -12.74 12.13 -1.68
CA SER A 316 -11.43 12.63 -1.25
C SER A 316 -10.41 11.54 -1.48
N TYR A 317 -9.15 11.84 -1.23
CA TYR A 317 -8.07 10.85 -1.35
C TYR A 317 -7.99 10.11 -0.04
N THR A 318 -7.69 10.85 1.06
CA THR A 318 -7.62 10.19 2.37
C THR A 318 -8.98 9.66 2.75
N PRO A 319 -9.13 8.42 3.12
CA PRO A 319 -10.42 7.88 3.57
C PRO A 319 -10.85 8.66 4.82
N PRO A 320 -12.13 9.05 4.89
CA PRO A 320 -12.71 9.83 5.98
C PRO A 320 -12.66 9.18 7.35
N TYR A 321 -12.42 7.89 7.43
CA TYR A 321 -12.38 7.14 8.67
C TYR A 321 -10.92 6.94 9.14
N THR A 322 -9.95 7.57 8.49
CA THR A 322 -8.55 7.46 8.92
C THR A 322 -8.48 8.23 10.27
N ASP A 323 -7.60 7.73 11.11
CA ASP A 323 -7.44 8.30 12.42
C ASP A 323 -6.88 9.71 12.24
N GLY A 324 -7.65 10.70 12.68
CA GLY A 324 -7.25 12.10 12.59
C GLY A 324 -7.85 12.80 11.38
N ALA A 325 -8.64 12.11 10.53
CA ALA A 325 -9.24 12.76 9.39
C ALA A 325 -10.58 13.39 9.83
N LYS A 326 -10.79 14.65 9.57
CA LYS A 326 -12.01 15.42 9.86
C LYS A 326 -12.26 16.23 8.55
N LEU A 327 -12.56 15.51 7.47
CA LEU A 327 -12.74 16.07 6.16
C LEU A 327 -14.03 16.78 5.87
N VAL A 328 -13.96 17.83 5.07
CA VAL A 328 -15.25 18.45 4.68
C VAL A 328 -15.66 17.97 3.31
N GLU A 329 -16.90 17.53 3.17
CA GLU A 329 -17.46 17.07 1.90
C GLU A 329 -17.62 18.25 0.92
N PRO A 330 -17.07 18.13 -0.28
CA PRO A 330 -17.14 19.17 -1.29
C PRO A 330 -18.56 19.35 -1.77
N GLU A 331 -19.00 20.51 -2.29
CA GLU A 331 -20.42 20.63 -2.66
C GLU A 331 -20.77 19.94 -3.96
N TRP A 332 -19.85 19.80 -4.91
CA TRP A 332 -20.13 19.07 -6.14
C TRP A 332 -20.58 17.65 -5.82
N PHE A 333 -20.20 17.08 -4.71
CA PHE A 333 -20.51 15.75 -4.29
C PHE A 333 -21.96 15.63 -3.82
N LYS A 334 -22.44 16.80 -3.41
CA LYS A 334 -23.77 17.01 -2.93
C LYS A 334 -24.73 17.25 -4.13
N TRP A 335 -24.28 17.74 -5.27
CA TRP A 335 -25.15 17.98 -6.41
C TRP A 335 -25.71 16.69 -7.00
N SER A 336 -26.61 16.86 -7.99
CA SER A 336 -27.10 15.64 -8.68
C SER A 336 -26.07 15.30 -9.78
N GLN A 337 -26.18 14.11 -10.34
CA GLN A 337 -25.21 13.75 -11.42
C GLN A 337 -25.42 14.65 -12.62
N GLN A 338 -26.73 14.96 -12.80
CA GLN A 338 -27.23 15.80 -13.90
C GLN A 338 -26.54 17.14 -13.84
N LYS A 339 -26.50 17.74 -12.62
CA LYS A 339 -25.77 19.01 -12.54
C LYS A 339 -24.27 18.82 -12.73
N ARG A 340 -23.74 17.69 -12.19
CA ARG A 340 -22.27 17.45 -12.39
C ARG A 340 -21.93 17.32 -13.86
N ASN A 341 -22.77 16.60 -14.63
CA ASN A 341 -22.56 16.42 -16.08
C ASN A 341 -22.60 17.72 -16.86
N GLU A 342 -23.59 18.54 -16.54
CA GLU A 342 -23.74 19.85 -17.22
C GLU A 342 -22.53 20.70 -17.01
N GLU A 343 -22.07 20.74 -15.73
CA GLU A 343 -20.85 21.53 -15.41
C GLU A 343 -19.60 20.97 -16.08
N ALA A 344 -19.50 19.61 -16.05
CA ALA A 344 -18.41 18.92 -16.73
C ALA A 344 -18.41 19.24 -18.22
N LYS A 345 -19.58 19.12 -18.88
CA LYS A 345 -19.68 19.43 -20.31
C LYS A 345 -19.24 20.87 -20.56
N LYS A 346 -19.72 21.73 -19.65
CA LYS A 346 -19.32 23.13 -19.81
C LYS A 346 -17.84 23.30 -19.71
N LEU A 347 -17.15 22.80 -18.67
CA LEU A 347 -15.68 22.95 -18.58
C LEU A 347 -14.87 22.36 -19.72
N LEU A 348 -15.27 21.16 -20.17
CA LEU A 348 -14.59 20.50 -21.29
C LEU A 348 -14.69 21.42 -22.53
N ALA A 349 -15.88 21.97 -22.75
CA ALA A 349 -16.09 22.91 -23.87
C ALA A 349 -15.20 24.14 -23.74
N GLU A 350 -14.98 24.65 -22.52
CA GLU A 350 -14.09 25.78 -22.33
C GLU A 350 -12.65 25.39 -22.69
N ALA A 351 -12.26 24.12 -22.48
CA ALA A 351 -10.89 23.69 -22.78
C ALA A 351 -10.64 23.48 -24.27
N GLY A 352 -11.66 23.47 -25.11
CA GLY A 352 -11.55 23.33 -26.55
C GLY A 352 -11.99 21.96 -27.04
N PHE A 353 -12.72 21.23 -26.21
CA PHE A 353 -13.15 19.91 -26.58
C PHE A 353 -14.62 19.90 -26.95
N THR A 354 -14.77 19.89 -28.26
CA THR A 354 -16.07 19.90 -28.93
C THR A 354 -16.62 18.51 -29.19
N ALA A 355 -17.68 18.41 -29.99
CA ALA A 355 -18.23 17.08 -30.35
C ALA A 355 -17.56 16.71 -31.68
N ASP A 356 -17.13 17.77 -32.35
CA ASP A 356 -16.42 17.72 -33.61
C ASP A 356 -14.98 17.27 -33.36
N LYS A 357 -14.51 17.57 -32.14
CA LYS A 357 -13.17 17.20 -31.72
C LYS A 357 -13.19 16.79 -30.25
N PRO A 358 -13.54 15.51 -30.07
CA PRO A 358 -13.66 14.89 -28.77
C PRO A 358 -12.29 14.76 -28.13
N LEU A 359 -12.30 14.69 -26.82
CA LEU A 359 -10.99 14.48 -26.15
C LEU A 359 -10.82 12.95 -26.21
N THR A 360 -9.68 12.49 -26.61
CA THR A 360 -9.35 11.09 -26.69
C THR A 360 -8.11 10.77 -25.84
N PHE A 361 -8.18 9.71 -25.03
CA PHE A 361 -6.98 9.38 -24.22
C PHE A 361 -6.98 7.92 -23.84
N ASP A 362 -5.90 7.40 -23.25
CA ASP A 362 -5.81 6.03 -22.83
C ASP A 362 -6.10 5.92 -21.31
N LEU A 363 -6.67 4.77 -21.01
CA LEU A 363 -6.95 4.40 -19.63
C LEU A 363 -6.19 3.10 -19.39
N LEU A 364 -5.10 3.24 -18.60
CA LEU A 364 -4.23 2.09 -18.30
C LEU A 364 -4.59 1.41 -17.00
N TYR A 365 -4.65 0.10 -16.93
CA TYR A 365 -4.98 -0.56 -15.65
C TYR A 365 -4.09 -1.79 -15.56
N ASN A 366 -3.89 -2.39 -14.40
CA ASN A 366 -3.11 -3.58 -14.22
C ASN A 366 -4.07 -4.76 -14.49
N THR A 367 -3.56 -5.64 -15.34
CA THR A 367 -4.32 -6.81 -15.83
C THR A 367 -5.15 -7.41 -14.71
N SER A 368 -6.46 -7.51 -14.90
CA SER A 368 -7.35 -7.98 -13.87
C SER A 368 -8.79 -7.93 -14.39
N ASP A 369 -9.61 -8.87 -13.95
CA ASP A 369 -11.02 -8.94 -14.36
C ASP A 369 -11.79 -7.75 -13.79
N LEU A 370 -11.55 -7.57 -12.47
CA LEU A 370 -12.20 -6.47 -11.79
C LEU A 370 -11.84 -5.11 -12.38
N HIS A 371 -10.56 -4.78 -12.52
CA HIS A 371 -10.21 -3.48 -13.08
C HIS A 371 -10.68 -3.37 -14.53
N LYS A 372 -10.66 -4.45 -15.32
CA LYS A 372 -11.15 -4.34 -16.70
C LYS A 372 -12.66 -4.00 -16.74
N LYS A 373 -13.48 -4.74 -16.01
CA LYS A 373 -14.93 -4.47 -15.92
C LYS A 373 -15.21 -3.05 -15.44
N LEU A 374 -14.48 -2.55 -14.42
CA LEU A 374 -14.64 -1.19 -13.96
C LEU A 374 -14.15 -0.22 -15.03
N ALA A 375 -13.02 -0.45 -15.71
CA ALA A 375 -12.58 0.50 -16.74
C ALA A 375 -13.57 0.55 -17.90
N ILE A 376 -14.11 -0.58 -18.29
CA ILE A 376 -15.14 -0.62 -19.38
C ILE A 376 -16.37 0.22 -18.97
N ALA A 377 -16.92 0.11 -17.81
CA ALA A 377 -18.06 0.87 -17.29
C ALA A 377 -17.74 2.34 -17.19
N VAL A 378 -16.54 2.68 -16.75
CA VAL A 378 -16.12 4.09 -16.65
C VAL A 378 -15.89 4.72 -18.01
N ALA A 379 -15.28 4.03 -18.97
CA ALA A 379 -15.01 4.54 -20.32
C ALA A 379 -16.36 4.88 -20.97
N SER A 380 -17.31 3.96 -20.67
CA SER A 380 -18.69 4.07 -21.08
C SER A 380 -19.43 5.25 -20.45
N ILE A 381 -19.31 5.45 -19.15
CA ILE A 381 -19.96 6.63 -18.51
C ILE A 381 -19.34 7.89 -19.03
N TRP A 382 -18.01 7.95 -19.12
CA TRP A 382 -17.38 9.14 -19.67
C TRP A 382 -17.80 9.37 -21.11
N LYS A 383 -18.02 8.33 -21.89
CA LYS A 383 -18.44 8.51 -23.29
C LYS A 383 -19.85 9.11 -23.38
N LYS A 384 -20.74 8.56 -22.60
CA LYS A 384 -22.12 8.94 -22.49
C LYS A 384 -22.33 10.32 -21.89
N ASN A 385 -21.65 10.69 -20.79
CA ASN A 385 -21.85 11.95 -20.11
C ASN A 385 -20.92 13.06 -20.58
N LEU A 386 -19.92 12.72 -21.38
CA LEU A 386 -18.97 13.78 -21.78
C LEU A 386 -18.57 13.70 -23.21
N GLY A 387 -18.80 12.60 -23.94
CA GLY A 387 -18.39 12.50 -25.34
C GLY A 387 -16.92 12.26 -25.60
N VAL A 388 -16.16 11.81 -24.57
CA VAL A 388 -14.74 11.56 -24.73
C VAL A 388 -14.51 10.13 -25.23
N ASN A 389 -13.43 9.94 -25.96
CA ASN A 389 -13.05 8.64 -26.48
C ASN A 389 -11.90 8.06 -25.62
N VAL A 390 -12.19 6.89 -25.06
CA VAL A 390 -11.21 6.26 -24.18
C VAL A 390 -10.67 4.94 -24.68
N ASN A 391 -9.34 4.79 -24.80
CA ASN A 391 -8.65 3.60 -25.21
C ASN A 391 -8.16 2.83 -23.93
N LEU A 392 -8.66 1.63 -23.73
CA LEU A 392 -8.30 0.79 -22.61
C LEU A 392 -7.03 0.04 -22.95
N GLU A 393 -6.11 -0.02 -22.00
CA GLU A 393 -4.83 -0.72 -22.12
C GLU A 393 -4.50 -1.37 -20.77
N ASN A 394 -4.15 -2.65 -20.83
CA ASN A 394 -3.77 -3.42 -19.69
C ASN A 394 -2.26 -3.68 -19.67
N GLN A 395 -1.65 -3.67 -18.47
CA GLN A 395 -0.24 -3.98 -18.32
C GLN A 395 -0.02 -4.91 -17.15
N GLU A 396 0.93 -5.82 -17.18
CA GLU A 396 1.20 -6.66 -16.00
C GLU A 396 1.65 -5.75 -14.85
N TRP A 397 1.41 -6.06 -13.61
CA TRP A 397 1.73 -5.26 -12.43
C TRP A 397 3.03 -4.53 -12.33
N LYS A 398 4.12 -5.24 -12.37
CA LYS A 398 5.46 -4.60 -12.24
C LYS A 398 5.68 -3.66 -13.38
N THR A 399 5.27 -3.95 -14.62
CA THR A 399 5.43 -2.97 -15.73
C THR A 399 4.54 -1.73 -15.57
N PHE A 400 3.27 -1.99 -15.20
CA PHE A 400 2.32 -0.90 -14.92
C PHE A 400 2.90 0.08 -13.89
N LEU A 401 3.59 -0.35 -12.82
CA LEU A 401 4.14 0.56 -11.83
C LEU A 401 5.21 1.45 -12.44
N ASP A 402 6.03 0.78 -13.22
CA ASP A 402 7.12 1.38 -13.97
C ASP A 402 6.61 2.47 -14.91
N THR A 403 5.59 2.15 -15.71
CA THR A 403 4.99 3.12 -16.61
C THR A 403 4.52 4.36 -15.89
N ARG A 404 3.90 4.17 -14.72
CA ARG A 404 3.39 5.32 -13.97
C ARG A 404 4.50 6.16 -13.38
N HIS A 405 5.57 5.57 -12.85
CA HIS A 405 6.67 6.34 -12.31
C HIS A 405 7.36 7.14 -13.41
N GLN A 406 7.48 6.54 -14.61
CA GLN A 406 8.06 7.20 -15.74
C GLN A 406 7.19 8.30 -16.32
N GLY A 407 5.87 8.25 -16.12
CA GLY A 407 4.98 9.26 -16.64
C GLY A 407 4.55 8.97 -18.06
N THR A 408 4.68 7.72 -18.53
CA THR A 408 4.27 7.47 -19.94
C THR A 408 2.85 6.97 -19.94
N PHE A 409 1.94 7.82 -19.43
CA PHE A 409 0.52 7.35 -19.40
C PHE A 409 -0.38 8.55 -19.44
N ASP A 410 -1.68 8.38 -19.67
CA ASP A 410 -2.53 9.54 -19.63
C ASP A 410 -3.30 9.47 -18.29
N VAL A 411 -4.17 8.46 -18.21
CA VAL A 411 -5.02 8.18 -17.04
C VAL A 411 -4.77 6.73 -16.62
N ALA A 412 -4.68 6.44 -15.33
CA ALA A 412 -4.44 5.12 -14.89
C ALA A 412 -5.34 4.73 -13.72
N ARG A 413 -5.80 3.50 -13.77
CA ARG A 413 -6.55 2.94 -12.63
C ARG A 413 -5.51 2.96 -11.45
N ALA A 414 -5.93 3.23 -10.23
CA ALA A 414 -5.03 3.31 -9.09
C ALA A 414 -5.77 3.00 -7.80
N GLY A 415 -5.02 2.77 -6.73
CA GLY A 415 -5.55 2.45 -5.41
C GLY A 415 -4.42 2.55 -4.35
N TRP A 416 -4.55 3.47 -3.40
CA TRP A 416 -3.49 3.62 -2.42
C TRP A 416 -4.00 3.06 -1.09
N CYS A 417 -3.27 2.23 -0.41
CA CYS A 417 -3.64 1.78 0.94
C CYS A 417 -2.70 2.44 1.96
N ALA A 418 -3.17 2.82 3.11
CA ALA A 418 -2.31 3.42 4.13
C ALA A 418 -1.19 2.50 4.56
N ASP A 419 -0.04 3.08 4.93
CA ASP A 419 1.12 2.38 5.46
C ASP A 419 1.13 2.52 7.00
N TYR A 420 0.42 3.51 7.49
CA TYR A 420 0.21 3.81 8.90
C TYR A 420 -1.12 4.58 8.98
N ASN A 421 -1.83 4.47 10.10
CA ASN A 421 -3.16 5.08 10.24
C ASN A 421 -3.09 6.49 10.79
N GLU A 422 -2.81 7.40 9.88
CA GLU A 422 -2.69 8.85 10.10
C GLU A 422 -2.81 9.43 8.69
N PRO A 423 -3.51 10.56 8.54
CA PRO A 423 -3.74 11.17 7.27
C PRO A 423 -2.48 11.48 6.48
N THR A 424 -1.29 11.66 7.00
CA THR A 424 -0.12 11.94 6.17
C THR A 424 0.29 10.69 5.44
N SER A 425 -0.14 9.52 5.85
CA SER A 425 0.21 8.31 5.09
C SER A 425 -0.33 8.40 3.67
N PHE A 426 -1.46 9.07 3.45
CA PHE A 426 -2.00 9.32 2.15
C PHE A 426 -1.40 10.63 1.60
N LEU A 427 -1.56 11.74 2.33
CA LEU A 427 -1.19 13.08 1.86
C LEU A 427 0.25 13.32 1.47
N ASN A 428 1.18 12.62 2.13
CA ASN A 428 2.60 12.76 1.82
C ASN A 428 2.90 12.26 0.42
N THR A 429 2.07 11.36 -0.14
CA THR A 429 2.32 10.84 -1.48
C THR A 429 2.05 11.85 -2.58
N MET A 430 1.44 12.99 -2.30
CA MET A 430 1.17 14.02 -3.27
C MET A 430 2.16 15.18 -3.16
N LEU A 431 3.14 15.02 -2.25
CA LEU A 431 4.14 16.11 -2.13
C LEU A 431 4.86 16.17 -3.46
N SER A 432 5.28 17.32 -3.92
CA SER A 432 5.99 17.47 -5.19
C SER A 432 7.16 16.58 -5.43
N ASP A 433 7.97 16.40 -4.39
CA ASP A 433 9.17 15.58 -4.41
C ASP A 433 8.99 14.18 -3.85
N SER A 434 7.76 13.71 -3.62
CA SER A 434 7.60 12.38 -3.04
C SER A 434 7.97 11.31 -4.05
N SER A 435 8.73 10.29 -3.63
CA SER A 435 9.05 9.20 -4.55
C SER A 435 7.81 8.37 -4.81
N ASN A 436 6.70 8.55 -4.05
CA ASN A 436 5.49 7.74 -4.37
C ASN A 436 4.50 8.52 -5.26
N ASN A 437 4.82 9.74 -5.66
CA ASN A 437 3.97 10.60 -6.44
C ASN A 437 3.92 10.22 -7.90
N THR A 438 3.01 9.26 -8.25
CA THR A 438 2.84 8.85 -9.65
C THR A 438 1.78 9.67 -10.36
N ALA A 439 1.11 10.62 -9.68
CA ALA A 439 0.15 11.53 -10.28
C ALA A 439 0.91 12.66 -11.00
N HIS A 440 2.17 12.81 -10.57
CA HIS A 440 3.09 13.81 -11.07
C HIS A 440 2.51 15.20 -10.77
N TYR A 441 1.80 15.28 -9.66
CA TYR A 441 1.15 16.43 -9.09
C TYR A 441 2.20 17.25 -8.29
N LYS A 442 2.32 18.53 -8.65
CA LYS A 442 3.30 19.43 -8.04
C LYS A 442 2.60 20.70 -7.58
N SER A 443 2.30 20.88 -6.31
CA SER A 443 1.61 22.10 -5.86
C SER A 443 2.28 22.63 -4.62
N PRO A 444 2.94 23.78 -4.73
CA PRO A 444 3.61 24.49 -3.65
C PRO A 444 2.64 24.85 -2.53
N ALA A 445 1.41 25.23 -2.85
CA ALA A 445 0.37 25.46 -1.86
C ALA A 445 0.06 24.17 -1.09
N PHE A 446 -0.06 23.02 -1.78
CA PHE A 446 -0.33 21.77 -1.10
C PHE A 446 0.88 21.45 -0.26
N ASP A 447 2.09 21.60 -0.82
CA ASP A 447 3.31 21.26 -0.05
C ASP A 447 3.45 22.05 1.23
N LYS A 448 3.11 23.36 1.19
CA LYS A 448 3.24 24.16 2.39
C LYS A 448 2.23 23.75 3.44
N LEU A 449 1.02 23.37 3.00
CA LEU A 449 0.02 22.93 4.02
C LEU A 449 0.53 21.75 4.80
N ILE A 450 1.14 20.78 4.13
CA ILE A 450 1.65 19.59 4.84
C ILE A 450 2.82 19.94 5.74
N ALA A 451 3.75 20.81 5.37
CA ALA A 451 4.88 21.27 6.18
C ALA A 451 4.50 21.89 7.51
N ASP A 452 3.41 22.69 7.48
CA ASP A 452 2.86 23.34 8.67
C ASP A 452 2.26 22.43 9.70
N THR A 453 1.87 21.21 9.37
CA THR A 453 1.26 20.29 10.31
C THR A 453 2.23 19.88 11.39
N LEU A 454 3.53 19.94 11.09
CA LEU A 454 4.58 19.54 12.01
C LEU A 454 5.20 20.75 12.71
N LYS A 455 4.71 21.92 12.35
CA LYS A 455 5.13 23.16 12.98
C LYS A 455 4.12 23.51 14.07
N VAL A 456 2.96 22.87 14.13
CA VAL A 456 1.97 23.12 15.18
C VAL A 456 2.09 21.95 16.15
N ALA A 457 1.73 22.11 17.42
CA ALA A 457 1.83 20.96 18.36
C ALA A 457 0.41 20.72 18.90
N ASP A 458 -0.53 20.82 17.96
CA ASP A 458 -1.95 20.73 18.32
C ASP A 458 -2.63 19.79 17.35
N ASP A 459 -3.32 18.73 17.83
CA ASP A 459 -3.98 17.86 16.86
C ASP A 459 -5.21 18.54 16.23
N THR A 460 -5.83 19.59 16.77
CA THR A 460 -6.95 20.17 16.04
C THR A 460 -6.46 20.99 14.86
N GLN A 461 -5.32 21.69 14.99
CA GLN A 461 -4.91 22.44 13.78
C GLN A 461 -4.30 21.46 12.78
N ARG A 462 -3.70 20.36 13.26
CA ARG A 462 -3.16 19.42 12.29
C ARG A 462 -4.32 18.92 11.40
N SER A 463 -5.41 18.49 11.98
CA SER A 463 -6.59 17.99 11.30
C SER A 463 -7.22 19.01 10.39
N GLU A 464 -7.18 20.26 10.92
CA GLU A 464 -7.73 21.33 10.09
C GLU A 464 -6.80 21.53 8.89
N LEU A 465 -5.48 21.39 9.07
CA LEU A 465 -4.56 21.50 7.93
C LEU A 465 -4.74 20.29 6.99
N TYR A 466 -4.98 19.05 7.45
CA TYR A 466 -5.24 17.92 6.57
C TYR A 466 -6.49 18.14 5.73
N ALA A 467 -7.57 18.66 6.35
CA ALA A 467 -8.81 18.98 5.59
C ALA A 467 -8.56 20.07 4.57
N LYS A 468 -7.71 21.10 4.86
CA LYS A 468 -7.40 22.11 3.80
C LYS A 468 -6.57 21.54 2.66
N ALA A 469 -5.65 20.62 2.93
CA ALA A 469 -4.80 19.91 1.99
C ALA A 469 -5.71 19.07 1.10
N GLU A 470 -6.67 18.33 1.65
CA GLU A 470 -7.62 17.58 0.76
C GLU A 470 -8.41 18.54 -0.11
N GLN A 471 -8.83 19.71 0.44
CA GLN A 471 -9.53 20.72 -0.35
C GLN A 471 -8.62 21.28 -1.43
N GLN A 472 -7.31 21.46 -1.23
CA GLN A 472 -6.41 21.96 -2.29
C GLN A 472 -6.30 20.93 -3.42
N LEU A 473 -6.18 19.67 -3.01
CA LEU A 473 -6.11 18.59 -4.04
C LEU A 473 -7.41 18.55 -4.83
N ASP A 474 -8.54 18.71 -4.14
CA ASP A 474 -9.85 18.68 -4.77
C ASP A 474 -10.03 19.82 -5.77
N LYS A 475 -9.68 21.02 -5.40
CA LYS A 475 -9.68 22.23 -6.18
C LYS A 475 -8.84 22.02 -7.43
N ASP A 476 -7.65 21.40 -7.31
CA ASP A 476 -6.83 21.15 -8.47
C ASP A 476 -7.27 19.94 -9.28
N SER A 477 -8.20 19.15 -8.73
CA SER A 477 -8.66 17.93 -9.39
C SER A 477 -7.47 17.08 -9.75
N ALA A 478 -6.52 16.88 -8.80
CA ALA A 478 -5.34 16.10 -9.05
C ALA A 478 -5.69 14.65 -9.46
N ILE A 479 -6.78 14.09 -8.89
CA ILE A 479 -7.17 12.73 -9.18
C ILE A 479 -8.68 12.62 -9.33
N VAL A 480 -9.19 11.43 -9.64
CA VAL A 480 -10.61 11.17 -9.73
C VAL A 480 -10.88 10.08 -8.69
N PRO A 481 -11.32 10.47 -7.50
CA PRO A 481 -11.67 9.56 -6.43
C PRO A 481 -12.87 8.69 -6.85
N VAL A 482 -12.85 7.40 -6.59
CA VAL A 482 -14.03 6.58 -7.01
C VAL A 482 -14.70 6.02 -5.78
N TYR A 483 -13.98 5.16 -5.00
CA TYR A 483 -14.56 4.61 -3.81
C TYR A 483 -13.52 4.36 -2.73
N TYR A 484 -14.03 4.23 -1.50
CA TYR A 484 -13.19 3.89 -0.36
C TYR A 484 -13.42 2.38 -0.26
N TYR A 485 -12.38 1.54 -0.27
CA TYR A 485 -12.54 0.13 -0.22
C TYR A 485 -13.06 -0.44 1.11
N VAL A 486 -13.62 -1.63 0.96
CA VAL A 486 -13.98 -2.57 1.99
C VAL A 486 -12.94 -3.71 1.62
N ASN A 487 -12.40 -4.38 2.59
CA ASN A 487 -11.45 -5.47 2.31
C ASN A 487 -12.30 -6.72 2.14
N ALA A 488 -12.51 -7.22 0.94
CA ALA A 488 -13.34 -8.40 0.74
C ALA A 488 -12.55 -9.57 0.24
N ARG A 489 -12.58 -10.73 0.89
CA ARG A 489 -11.83 -11.88 0.42
C ARG A 489 -12.46 -13.16 0.95
N LEU A 490 -12.05 -14.27 0.40
CA LEU A 490 -12.60 -15.57 0.93
C LEU A 490 -11.56 -16.25 1.82
N VAL A 491 -11.90 -16.81 2.98
CA VAL A 491 -10.91 -17.43 3.88
C VAL A 491 -11.53 -18.77 4.27
N LYS A 492 -10.78 -19.86 4.05
CA LYS A 492 -11.39 -21.17 4.40
C LYS A 492 -11.74 -21.14 5.87
N PRO A 493 -12.77 -21.92 6.22
CA PRO A 493 -13.25 -22.04 7.57
C PRO A 493 -12.20 -22.65 8.50
N TRP A 494 -11.22 -23.43 8.04
CA TRP A 494 -10.17 -24.00 8.82
C TRP A 494 -8.92 -23.10 8.95
N VAL A 495 -8.97 -21.89 8.46
CA VAL A 495 -7.81 -20.96 8.67
C VAL A 495 -8.10 -20.15 9.94
N GLY A 496 -7.37 -20.43 11.05
CA GLY A 496 -7.65 -19.66 12.26
C GLY A 496 -6.63 -18.50 12.36
N GLY A 497 -6.98 -17.55 13.24
CA GLY A 497 -6.12 -16.41 13.54
C GLY A 497 -6.31 -15.15 12.75
N TYR A 498 -7.20 -15.18 11.77
CA TYR A 498 -7.41 -13.95 10.96
C TYR A 498 -8.63 -13.25 11.51
N THR A 499 -8.50 -12.14 12.22
CA THR A 499 -9.65 -11.41 12.76
C THR A 499 -10.32 -10.49 11.77
N GLY A 500 -9.61 -9.90 10.79
CA GLY A 500 -10.25 -8.92 9.91
C GLY A 500 -10.37 -7.57 10.58
N LYS A 501 -9.84 -7.40 11.80
CA LYS A 501 -9.88 -6.21 12.59
C LYS A 501 -8.84 -5.17 12.17
N ASP A 502 -7.75 -5.60 11.55
CA ASP A 502 -6.75 -4.54 11.17
C ASP A 502 -7.19 -3.89 9.90
N PRO A 503 -7.45 -2.60 9.90
CA PRO A 503 -7.84 -1.82 8.74
C PRO A 503 -6.72 -1.62 7.73
N LEU A 504 -5.47 -1.98 8.11
CA LEU A 504 -4.35 -1.86 7.20
C LEU A 504 -4.09 -3.27 6.60
N ASP A 505 -4.73 -4.30 7.11
CA ASP A 505 -4.59 -5.64 6.69
C ASP A 505 -3.12 -6.08 6.73
N ASN A 506 -2.42 -5.83 7.84
CA ASN A 506 -1.02 -6.25 7.96
C ASN A 506 -0.95 -7.69 8.47
N ILE A 507 -1.29 -8.66 7.63
CA ILE A 507 -1.26 -10.07 8.02
C ILE A 507 0.14 -10.65 8.03
N TYR A 508 0.37 -11.48 9.06
CA TYR A 508 1.63 -12.19 9.17
C TYR A 508 1.22 -13.67 9.14
N VAL A 509 1.77 -14.54 8.31
CA VAL A 509 1.41 -15.96 8.33
C VAL A 509 1.80 -16.58 9.66
N LYS A 510 2.79 -16.08 10.41
CA LYS A 510 3.16 -16.54 11.72
C LYS A 510 2.03 -16.45 12.76
N ASN A 511 0.93 -15.73 12.49
CA ASN A 511 -0.15 -15.63 13.46
C ASN A 511 -1.30 -16.56 13.09
N LEU A 512 -1.21 -17.23 11.97
CA LEU A 512 -2.30 -18.09 11.54
C LEU A 512 -2.06 -19.54 11.87
N TYR A 513 -3.13 -20.35 11.77
CA TYR A 513 -3.05 -21.76 12.05
C TYR A 513 -4.17 -22.54 11.34
N ILE A 514 -3.90 -23.81 11.02
CA ILE A 514 -4.93 -24.59 10.33
C ILE A 514 -5.59 -25.54 11.35
N ILE A 515 -6.89 -25.43 11.40
CA ILE A 515 -7.72 -26.26 12.26
C ILE A 515 -7.92 -27.62 11.62
N LYS A 516 -7.97 -28.70 12.37
CA LYS A 516 -8.16 -30.04 11.73
C LYS A 516 -9.46 -30.09 10.96
N HIS A 517 -9.47 -30.64 9.76
CA HIS A 517 -10.76 -30.67 9.00
C HIS A 517 -10.65 -31.89 8.05
N LYS B 1 0.96 2.04 0.38
CA LYS B 1 1.41 1.03 -0.61
C LYS B 1 0.41 0.97 -1.76
N LYS B 2 0.84 0.73 -2.97
CA LYS B 2 -0.01 0.58 -4.17
C LYS B 2 -0.74 -0.74 -4.15
N LYS B 3 -2.10 -0.70 -4.30
CA LYS B 3 -2.89 -1.88 -4.21
C LYS B 3 -3.22 -2.45 -5.59
N ALA B 4 -2.65 -3.61 -5.87
CA ALA B 4 -2.98 -4.30 -7.15
C ALA B 4 -4.47 -4.74 -7.12
#